data_4GC6
#
_entry.id   4GC6
#
_cell.length_a   93.641
_cell.length_b   103.357
_cell.length_c   52.491
_cell.angle_alpha   90.00
_cell.angle_beta   90.00
_cell.angle_gamma   90.00
#
_symmetry.space_group_name_H-M   'P 21 21 2'
#
loop_
_entity.id
_entity.type
_entity.pdbx_description
1 polymer 'DNA polymerase IV'
2 polymer "DNA (5'-D(*GP*GP*GP*GP*GP*AP*AP*GP*GP*AP*TP*TP*CP*C)-3')"
3 polymer "DNA (5'-D(*TP*CP*AP*TP*GP*GP*AP*AP*TP*CP*CP*TP*TP*CP*CP*CP*CP*C)-3')"
4 non-polymer "North-methanocarba-2'-deoxyadenosine triphosphate"
5 non-polymer 'CALCIUM ION'
6 water water
#
loop_
_entity_poly.entity_id
_entity_poly.type
_entity_poly.pdbx_seq_one_letter_code
_entity_poly.pdbx_strand_id
1 'polypeptide(L)'
;HHHHHHMIVLFVDFDYFYAQVEEVLNPSLKGKPVVVCVFSGRFEDSGAVATANYEARKFGVKAGIPIVEAKKILPNAVYL
PMRKEVYQQVSSRIMNLLREYSEKIEIASIDEAYLDISDKVRDYREAYNLGLEIKNKILEKEKITVTVGISKNKVFAKIA
ADMAKPNGIKVIDDEEVKRLIRELDIADVPGIGNITAEKLKKLGINKLVDTLSIEFDKLKGMIGEAKAKYLISLARDEYN
EPIRTRVRKSIGRIVTMKRNSRNLEEIKPYLFRAIEESYYKLDKRIPKAIHVVAVTEDLDIVSRGRTFPHGISKETAYSE
SVKLLQKILEEDERKIRRIGVRFSKFIEAIGLDKFFDT
;
A
2 'polydeoxyribonucleotide' (DG)(DG)(DG)(DG)(DG)(DA)(DA)(DG)(DG)(DA)(DT)(DT)(DC)(DC) P
3 'polydeoxyribonucleotide' (DT)(DC)(DA)(DT)(DG)(DG)(DA)(DA)(DT)(DC)(DC)(DT)(DT)(DC)(DC)(DC)(DC)(DC) T
#
loop_
_chem_comp.id
_chem_comp.type
_chem_comp.name
_chem_comp.formula
0OH non-polymer 'North-methanocarba-2'-deoxyadenosine triphosphate' 'C12 H18 N5 O11 P3'
CA non-polymer 'CALCIUM ION' 'Ca 2'
DA DNA linking 2'-DEOXYADENOSINE-5'-MONOPHOSPHATE 'C10 H14 N5 O6 P'
DC DNA linking 2'-DEOXYCYTIDINE-5'-MONOPHOSPHATE 'C9 H14 N3 O7 P'
DG DNA linking 2'-DEOXYGUANOSINE-5'-MONOPHOSPHATE 'C10 H14 N5 O7 P'
DT DNA linking THYMIDINE-5'-MONOPHOSPHATE 'C10 H15 N2 O8 P'
#
# COMPACT_ATOMS: atom_id res chain seq x y z
N MET A 7 -18.02 15.58 12.75
CA MET A 7 -17.65 14.44 11.91
C MET A 7 -16.97 13.31 12.69
N ILE A 8 -17.27 12.07 12.27
CA ILE A 8 -16.63 10.92 12.89
C ILE A 8 -16.23 9.84 11.88
N VAL A 9 -14.96 9.44 11.95
CA VAL A 9 -14.42 8.43 11.07
C VAL A 9 -14.12 7.10 11.81
N LEU A 10 -14.55 6.01 11.19
CA LEU A 10 -14.26 4.67 11.69
C LEU A 10 -13.41 3.96 10.65
N PHE A 11 -12.20 3.60 11.02
CA PHE A 11 -11.27 3.03 10.06
C PHE A 11 -10.97 1.56 10.38
N VAL A 12 -10.98 0.73 9.36
CA VAL A 12 -10.78 -0.71 9.57
C VAL A 12 -9.53 -1.25 8.86
N ASP A 13 -8.69 -1.96 9.62
CA ASP A 13 -7.39 -2.43 9.15
C ASP A 13 -7.26 -3.93 9.43
N PHE A 14 -7.21 -4.74 8.36
CA PHE A 14 -7.28 -6.20 8.50
C PHE A 14 -5.96 -6.78 9.01
N ASP A 15 -5.94 -7.28 10.24
CA ASP A 15 -4.71 -7.80 10.86
C ASP A 15 -3.84 -8.75 10.00
N TYR A 16 -2.52 -8.50 10.03
CA TYR A 16 -1.47 -9.27 9.32
C TYR A 16 -1.94 -10.01 8.04
N PHE A 17 -2.56 -9.23 7.18
CA PHE A 17 -3.52 -9.70 6.19
C PHE A 17 -3.23 -10.94 5.33
N TYR A 18 -2.15 -10.94 4.55
CA TYR A 18 -1.95 -12.10 3.67
C TYR A 18 -1.68 -13.35 4.48
N ALA A 19 -0.87 -13.19 5.52
CA ALA A 19 -0.51 -14.33 6.35
C ALA A 19 -1.78 -14.82 7.02
N GLN A 20 -2.61 -13.88 7.47
CA GLN A 20 -3.86 -14.26 8.10
C GLN A 20 -4.80 -14.99 7.13
N VAL A 21 -4.70 -14.70 5.84
CA VAL A 21 -5.53 -15.39 4.86
C VAL A 21 -5.05 -16.83 4.70
N GLU A 22 -3.73 -17.00 4.58
CA GLU A 22 -3.15 -18.35 4.47
C GLU A 22 -3.49 -19.26 5.66
N GLU A 23 -3.62 -18.66 6.83
CA GLU A 23 -4.04 -19.38 8.02
C GLU A 23 -5.49 -19.78 7.92
N VAL A 24 -6.35 -18.83 7.57
CA VAL A 24 -7.78 -19.09 7.44
C VAL A 24 -8.05 -20.26 6.50
N LEU A 25 -7.24 -20.31 5.44
CA LEU A 25 -7.32 -21.32 4.39
C LEU A 25 -6.66 -22.66 4.75
N ASN A 26 -5.98 -22.66 5.90
CA ASN A 26 -5.28 -23.83 6.38
C ASN A 26 -5.06 -23.66 7.88
N PRO A 27 -6.14 -23.81 8.65
CA PRO A 27 -6.16 -23.36 10.06
C PRO A 27 -5.08 -24.00 10.94
N SER A 28 -4.42 -25.04 10.42
CA SER A 28 -3.31 -25.71 11.10
C SER A 28 -2.11 -24.80 11.32
N LEU A 29 -2.07 -23.71 10.55
CA LEU A 29 -0.96 -22.77 10.56
C LEU A 29 -0.93 -21.88 11.80
N LYS A 30 -2.10 -21.65 12.38
CA LYS A 30 -2.22 -20.78 13.55
C LYS A 30 -1.28 -21.25 14.65
N GLY A 31 -0.65 -20.30 15.35
CA GLY A 31 0.34 -20.63 16.35
C GLY A 31 1.76 -20.80 15.82
N LYS A 32 1.89 -20.95 14.50
CA LYS A 32 3.19 -21.13 13.87
C LYS A 32 3.65 -19.88 13.11
N PRO A 33 4.97 -19.65 13.04
CA PRO A 33 5.53 -18.52 12.28
C PRO A 33 5.21 -18.67 10.80
N VAL A 34 4.57 -17.67 10.21
CA VAL A 34 4.13 -17.77 8.82
C VAL A 34 4.63 -16.57 8.03
N VAL A 35 5.43 -16.84 7.00
CA VAL A 35 5.91 -15.80 6.12
C VAL A 35 5.42 -15.97 4.68
N VAL A 36 4.66 -14.98 4.20
CA VAL A 36 4.17 -14.97 2.82
C VAL A 36 5.22 -14.34 1.92
N CYS A 37 5.79 -15.18 1.07
CA CYS A 37 6.95 -14.81 0.27
C CYS A 37 6.61 -14.49 -1.17
N VAL A 38 7.39 -13.59 -1.75
CA VAL A 38 7.34 -13.28 -3.17
C VAL A 38 8.68 -13.62 -3.81
N PHE A 39 8.76 -14.82 -4.41
CA PHE A 39 10.02 -15.29 -5.01
C PHE A 39 10.31 -14.60 -6.35
N SER A 40 11.49 -14.88 -6.91
CA SER A 40 11.90 -14.22 -8.14
C SER A 40 12.57 -15.22 -9.08
N GLY A 41 12.84 -16.42 -8.58
CA GLY A 41 13.41 -17.48 -9.39
C GLY A 41 14.74 -17.19 -10.06
N ARG A 42 15.49 -16.22 -9.55
CA ARG A 42 16.87 -16.11 -9.97
C ARG A 42 17.59 -17.32 -9.37
N PHE A 43 17.92 -17.26 -8.08
CA PHE A 43 18.39 -18.46 -7.39
C PHE A 43 17.26 -19.17 -6.62
N GLU A 44 17.64 -19.96 -5.62
CA GLU A 44 16.66 -20.77 -4.92
C GLU A 44 15.72 -19.96 -4.01
N ASP A 45 16.30 -19.17 -3.12
CA ASP A 45 15.51 -18.38 -2.17
C ASP A 45 15.64 -16.87 -2.39
N SER A 46 15.83 -16.50 -3.66
CA SER A 46 15.86 -15.11 -4.07
C SER A 46 14.44 -14.56 -4.00
N GLY A 47 14.36 -13.27 -3.65
CA GLY A 47 13.08 -12.63 -3.42
C GLY A 47 13.00 -11.84 -2.13
N ALA A 48 11.77 -11.62 -1.69
CA ALA A 48 11.50 -10.74 -0.57
C ALA A 48 10.21 -11.13 0.14
N VAL A 49 10.02 -10.61 1.33
CA VAL A 49 8.87 -10.99 2.14
C VAL A 49 7.70 -10.02 1.94
N ALA A 50 6.51 -10.56 1.71
CA ALA A 50 5.34 -9.71 1.53
C ALA A 50 4.78 -9.26 2.86
N THR A 51 4.48 -10.21 3.73
CA THR A 51 4.05 -9.92 5.09
C THR A 51 4.35 -11.17 5.88
N ALA A 52 4.15 -11.12 7.20
CA ALA A 52 4.25 -12.32 8.05
C ALA A 52 3.40 -12.15 9.32
N ASN A 53 2.95 -13.25 9.92
CA ASN A 53 2.16 -13.16 11.14
C ASN A 53 2.90 -12.54 12.33
N TYR A 54 2.25 -12.42 13.48
CA TYR A 54 2.89 -11.79 14.64
C TYR A 54 3.84 -12.74 15.38
N GLU A 55 3.64 -14.04 15.16
CA GLU A 55 4.59 -15.05 15.59
C GLU A 55 5.96 -14.72 14.99
N ALA A 56 6.04 -14.69 13.66
CA ALA A 56 7.27 -14.38 12.95
C ALA A 56 7.74 -12.93 13.16
N ARG A 57 6.80 -11.99 13.24
CA ARG A 57 7.14 -10.58 13.20
C ARG A 57 7.85 -10.17 14.47
N LYS A 58 7.61 -10.91 15.53
CA LYS A 58 8.21 -10.63 16.84
C LYS A 58 9.69 -10.96 16.89
N PHE A 59 10.18 -11.59 15.83
CA PHE A 59 11.62 -11.86 15.67
C PHE A 59 12.24 -11.08 14.51
N GLY A 60 11.63 -9.95 14.15
CA GLY A 60 12.17 -9.09 13.12
C GLY A 60 11.90 -9.52 11.68
N VAL A 61 11.06 -10.53 11.51
CA VAL A 61 10.69 -10.94 10.16
C VAL A 61 9.49 -10.13 9.68
N LYS A 62 9.77 -9.04 8.96
CA LYS A 62 8.71 -8.12 8.51
C LYS A 62 8.63 -8.03 6.97
N ALA A 63 7.77 -7.15 6.49
CA ALA A 63 7.63 -6.95 5.05
C ALA A 63 8.83 -6.18 4.51
N GLY A 64 9.41 -6.66 3.42
CA GLY A 64 10.49 -5.93 2.79
C GLY A 64 11.89 -6.51 2.93
N ILE A 65 12.12 -7.35 3.94
CA ILE A 65 13.40 -8.02 4.08
C ILE A 65 13.51 -9.14 3.03
N PRO A 66 14.73 -9.54 2.68
CA PRO A 66 14.84 -10.66 1.75
C PRO A 66 14.37 -11.94 2.39
N ILE A 67 13.90 -12.89 1.60
CA ILE A 67 13.56 -14.21 2.10
C ILE A 67 14.77 -14.82 2.82
N VAL A 68 15.95 -14.57 2.26
CA VAL A 68 17.21 -15.10 2.76
C VAL A 68 17.45 -14.67 4.22
N GLU A 69 17.25 -13.38 4.50
CA GLU A 69 17.39 -12.90 5.87
C GLU A 69 16.44 -13.64 6.79
N ALA A 70 15.16 -13.59 6.41
CA ALA A 70 14.10 -14.23 7.18
C ALA A 70 14.44 -15.67 7.57
N LYS A 71 15.03 -16.41 6.64
CA LYS A 71 15.37 -17.81 6.88
C LYS A 71 16.48 -18.01 7.93
N LYS A 72 17.55 -17.21 7.86
CA LYS A 72 18.54 -17.22 8.94
C LYS A 72 17.85 -17.00 10.29
N ILE A 73 16.99 -16.00 10.38
CA ILE A 73 16.30 -15.75 11.64
C ILE A 73 15.37 -16.90 12.07
N LEU A 74 14.47 -17.34 11.19
CA LEU A 74 13.55 -18.43 11.54
C LEU A 74 13.54 -19.55 10.51
N PRO A 75 14.59 -20.37 10.49
CA PRO A 75 14.73 -21.43 9.47
C PRO A 75 13.50 -22.34 9.40
N ASN A 76 12.88 -22.63 10.53
CA ASN A 76 11.80 -23.60 10.54
C ASN A 76 10.41 -22.98 10.42
N ALA A 77 10.36 -21.66 10.23
CA ALA A 77 9.10 -21.00 9.91
C ALA A 77 8.46 -21.60 8.64
N VAL A 78 7.17 -21.34 8.49
CA VAL A 78 6.42 -21.76 7.32
C VAL A 78 6.48 -20.69 6.24
N TYR A 79 7.26 -20.94 5.21
CA TYR A 79 7.37 -20.01 4.11
C TYR A 79 6.40 -20.39 2.99
N LEU A 80 5.41 -19.51 2.77
CA LEU A 80 4.40 -19.72 1.74
C LEU A 80 4.50 -18.72 0.58
N PRO A 81 4.22 -19.17 -0.64
CA PRO A 81 4.33 -18.25 -1.78
C PRO A 81 3.10 -17.34 -1.88
N MET A 82 3.30 -16.09 -2.27
CA MET A 82 2.19 -15.14 -2.43
C MET A 82 1.10 -15.61 -3.42
N ARG A 83 -0.16 -15.53 -2.97
CA ARG A 83 -1.32 -15.92 -3.78
C ARG A 83 -2.33 -14.79 -3.90
N LYS A 84 -1.94 -13.70 -4.57
CA LYS A 84 -2.67 -12.42 -4.43
C LYS A 84 -4.14 -12.45 -4.86
N GLU A 85 -4.43 -13.12 -5.99
N GLU A 85 -4.40 -13.14 -5.98
CA GLU A 85 -5.80 -13.21 -6.49
CA GLU A 85 -5.73 -13.36 -6.54
C GLU A 85 -6.75 -13.83 -5.46
C GLU A 85 -6.70 -13.82 -5.46
N VAL A 86 -6.23 -14.77 -4.67
CA VAL A 86 -6.99 -15.35 -3.57
C VAL A 86 -7.30 -14.30 -2.52
N TYR A 87 -6.28 -13.53 -2.15
CA TYR A 87 -6.41 -12.55 -1.07
C TYR A 87 -7.31 -11.41 -1.55
N GLN A 88 -7.33 -11.22 -2.86
CA GLN A 88 -8.17 -10.17 -3.44
C GLN A 88 -9.65 -10.54 -3.40
N GLN A 89 -9.99 -11.79 -3.67
CA GLN A 89 -11.38 -12.21 -3.59
C GLN A 89 -11.93 -12.18 -2.15
N VAL A 90 -11.06 -12.45 -1.19
CA VAL A 90 -11.47 -12.51 0.20
C VAL A 90 -11.71 -11.11 0.79
N SER A 91 -10.81 -10.19 0.43
CA SER A 91 -10.95 -8.79 0.77
C SER A 91 -12.27 -8.23 0.25
N SER A 92 -12.51 -8.44 -1.05
CA SER A 92 -13.76 -8.02 -1.71
C SER A 92 -15.01 -8.29 -0.88
N ARG A 93 -15.10 -9.53 -0.38
CA ARG A 93 -16.26 -9.98 0.36
C ARG A 93 -16.44 -9.21 1.64
N ILE A 94 -15.33 -8.77 2.21
CA ILE A 94 -15.38 -8.03 3.46
C ILE A 94 -15.74 -6.58 3.16
N MET A 95 -15.35 -6.13 1.98
CA MET A 95 -15.67 -4.80 1.54
C MET A 95 -17.17 -4.67 1.23
N ASN A 96 -17.75 -5.74 0.70
CA ASN A 96 -19.18 -5.78 0.45
C ASN A 96 -19.92 -5.71 1.76
N LEU A 97 -19.32 -6.32 2.76
CA LEU A 97 -19.94 -6.48 4.06
C LEU A 97 -19.84 -5.15 4.77
N LEU A 98 -18.77 -4.45 4.45
CA LEU A 98 -18.52 -3.16 5.07
C LEU A 98 -19.49 -2.12 4.56
N ARG A 99 -19.77 -2.14 3.27
CA ARG A 99 -20.76 -1.25 2.66
C ARG A 99 -22.17 -1.38 3.27
N GLU A 100 -22.34 -2.35 4.15
CA GLU A 100 -23.63 -2.60 4.79
C GLU A 100 -23.67 -1.99 6.19
N TYR A 101 -22.83 -0.98 6.40
CA TYR A 101 -22.78 -0.25 7.68
C TYR A 101 -22.74 1.25 7.42
N SER A 102 -21.96 1.67 6.43
CA SER A 102 -22.08 3.02 5.87
C SER A 102 -22.12 2.95 4.35
N GLU A 103 -22.84 3.90 3.77
CA GLU A 103 -22.88 4.01 2.33
C GLU A 103 -21.69 4.88 1.93
N LYS A 104 -21.29 5.76 2.86
CA LYS A 104 -20.10 6.58 2.71
C LYS A 104 -18.82 5.78 3.06
N ILE A 105 -18.14 5.32 2.00
CA ILE A 105 -17.05 4.36 2.16
C ILE A 105 -15.85 4.56 1.19
N GLU A 106 -14.66 4.63 1.77
CA GLU A 106 -13.44 4.75 0.98
C GLU A 106 -12.57 3.51 1.09
N ILE A 107 -12.63 2.63 0.11
CA ILE A 107 -11.75 1.47 0.06
C ILE A 107 -10.35 1.94 -0.37
N ALA A 108 -9.45 2.02 0.62
CA ALA A 108 -8.15 2.66 0.44
C ALA A 108 -7.01 1.74 -0.08
N SER A 109 -7.16 0.43 0.16
CA SER A 109 -6.14 -0.56 -0.15
C SER A 109 -6.83 -1.91 -0.10
N ILE A 110 -6.09 -2.97 -0.40
CA ILE A 110 -6.61 -4.33 -0.25
C ILE A 110 -7.01 -4.72 1.19
N ASP A 111 -6.54 -4.02 2.23
CA ASP A 111 -6.95 -4.36 3.59
C ASP A 111 -7.29 -3.16 4.48
N GLU A 112 -7.78 -2.11 3.85
CA GLU A 112 -8.06 -0.89 4.59
C GLU A 112 -9.29 -0.26 4.02
N ALA A 113 -10.09 0.36 4.90
CA ALA A 113 -11.23 1.18 4.50
C ALA A 113 -11.68 2.17 5.58
N TYR A 114 -12.30 3.26 5.12
CA TYR A 114 -12.79 4.31 5.99
C TYR A 114 -14.30 4.46 5.86
N LEU A 115 -14.97 4.49 7.01
CA LEU A 115 -16.42 4.71 7.04
C LEU A 115 -16.80 6.06 7.65
N ASP A 116 -17.62 6.82 6.92
CA ASP A 116 -18.17 8.04 7.49
C ASP A 116 -19.45 7.66 8.20
N ILE A 117 -19.45 7.82 9.52
CA ILE A 117 -20.58 7.35 10.32
C ILE A 117 -21.22 8.46 11.17
N SER A 118 -21.15 9.68 10.67
CA SER A 118 -21.64 10.86 11.38
C SER A 118 -23.16 10.89 11.44
N ASP A 119 -23.78 10.68 10.28
CA ASP A 119 -25.23 10.62 10.20
C ASP A 119 -25.67 9.16 10.30
N LYS A 120 -25.29 8.52 11.42
CA LYS A 120 -25.48 7.08 11.61
C LYS A 120 -25.17 6.68 13.06
N VAL A 121 -24.80 7.67 13.87
CA VAL A 121 -24.41 7.46 15.27
C VAL A 121 -24.24 8.84 15.93
N ARG A 122 -24.47 8.93 17.23
CA ARG A 122 -23.99 10.10 17.97
C ARG A 122 -22.97 9.60 18.96
N ASP A 123 -22.07 10.48 19.41
CA ASP A 123 -21.04 10.17 20.40
C ASP A 123 -20.07 9.00 20.10
N TYR A 124 -18.93 9.00 20.79
CA TYR A 124 -17.91 7.98 20.62
C TYR A 124 -18.25 6.69 21.37
N ARG A 125 -19.26 6.74 22.23
CA ARG A 125 -19.74 5.52 22.88
C ARG A 125 -20.46 4.62 21.87
N GLU A 126 -21.38 5.22 21.09
CA GLU A 126 -22.11 4.47 20.08
C GLU A 126 -21.12 3.98 19.05
N ALA A 127 -20.29 4.90 18.58
CA ALA A 127 -19.18 4.63 17.66
C ALA A 127 -18.44 3.37 18.01
N TYR A 128 -17.96 3.34 19.25
CA TYR A 128 -17.22 2.24 19.81
C TYR A 128 -17.96 0.92 19.73
N ASN A 129 -19.29 1.00 19.83
CA ASN A 129 -20.14 -0.19 19.85
C ASN A 129 -20.29 -0.74 18.45
N LEU A 130 -20.53 0.15 17.51
CA LEU A 130 -20.61 -0.23 16.12
C LEU A 130 -19.26 -0.80 15.69
N GLY A 131 -18.18 -0.29 16.29
CA GLY A 131 -16.86 -0.86 16.09
C GLY A 131 -16.84 -2.36 16.39
N LEU A 132 -17.35 -2.72 17.57
CA LEU A 132 -17.45 -4.10 17.99
C LEU A 132 -18.34 -4.97 17.09
N GLU A 133 -19.46 -4.41 16.65
CA GLU A 133 -20.36 -5.14 15.77
C GLU A 133 -19.65 -5.60 14.48
N ILE A 134 -18.68 -4.81 14.03
CA ILE A 134 -18.00 -5.12 12.78
C ILE A 134 -16.80 -6.07 12.97
N LYS A 135 -15.95 -5.80 13.95
CA LYS A 135 -14.91 -6.76 14.34
C LYS A 135 -15.52 -8.15 14.44
N ASN A 136 -16.74 -8.20 14.99
CA ASN A 136 -17.52 -9.42 15.14
C ASN A 136 -18.03 -10.04 13.87
N LYS A 137 -18.85 -9.29 13.15
CA LYS A 137 -19.47 -9.82 11.93
C LYS A 137 -18.43 -10.41 10.98
N ILE A 138 -17.26 -9.79 10.93
CA ILE A 138 -16.17 -10.26 10.06
C ILE A 138 -15.57 -11.55 10.60
N LEU A 139 -15.34 -11.55 11.92
CA LEU A 139 -14.79 -12.72 12.58
C LEU A 139 -15.68 -13.92 12.38
N GLU A 140 -16.99 -13.70 12.35
CA GLU A 140 -17.92 -14.78 12.14
C GLU A 140 -17.99 -15.19 10.67
N LYS A 141 -18.22 -14.22 9.80
CA LYS A 141 -18.43 -14.47 8.38
C LYS A 141 -17.17 -15.02 7.69
N GLU A 142 -16.09 -14.24 7.75
CA GLU A 142 -14.92 -14.56 6.96
C GLU A 142 -13.77 -15.03 7.83
N LYS A 143 -14.05 -15.10 9.13
CA LYS A 143 -13.12 -15.67 10.08
C LYS A 143 -11.82 -14.89 10.15
N ILE A 144 -11.94 -13.57 10.11
CA ILE A 144 -10.79 -12.67 10.06
C ILE A 144 -10.79 -11.62 11.16
N THR A 145 -9.66 -11.48 11.86
CA THR A 145 -9.50 -10.45 12.87
C THR A 145 -9.06 -9.16 12.20
N VAL A 146 -9.63 -8.03 12.65
CA VAL A 146 -9.23 -6.71 12.18
C VAL A 146 -9.03 -5.76 13.36
N THR A 147 -8.49 -4.58 13.08
CA THR A 147 -8.34 -3.56 14.10
C THR A 147 -9.09 -2.32 13.64
N VAL A 148 -9.78 -1.65 14.58
CA VAL A 148 -10.62 -0.52 14.23
C VAL A 148 -10.21 0.73 14.98
N GLY A 149 -10.08 1.84 14.24
CA GLY A 149 -9.77 3.12 14.83
C GLY A 149 -10.90 4.12 14.64
N ILE A 150 -11.21 4.88 15.69
CA ILE A 150 -12.28 5.86 15.61
C ILE A 150 -11.86 7.24 16.12
N SER A 151 -12.05 8.24 15.26
CA SER A 151 -11.86 9.63 15.64
C SER A 151 -12.50 10.50 14.57
N LYS A 152 -12.13 11.77 14.52
CA LYS A 152 -12.86 12.79 13.77
C LYS A 152 -12.48 12.91 12.30
N ASN A 153 -11.23 12.59 11.99
CA ASN A 153 -10.79 12.54 10.59
C ASN A 153 -10.08 11.23 10.28
N LYS A 154 -9.91 10.99 8.99
CA LYS A 154 -9.25 9.81 8.49
C LYS A 154 -7.88 9.58 9.13
N VAL A 155 -7.11 10.65 9.29
CA VAL A 155 -5.73 10.54 9.75
C VAL A 155 -5.67 10.02 11.18
N PHE A 156 -6.51 10.58 12.05
CA PHE A 156 -6.49 10.19 13.45
C PHE A 156 -7.29 8.92 13.66
N ALA A 157 -8.20 8.62 12.74
CA ALA A 157 -8.87 7.33 12.75
C ALA A 157 -7.79 6.27 12.54
N LYS A 158 -6.95 6.49 11.53
CA LYS A 158 -5.90 5.55 11.13
C LYS A 158 -4.77 5.42 12.12
N ILE A 159 -4.46 6.50 12.83
CA ILE A 159 -3.45 6.47 13.88
C ILE A 159 -3.98 5.60 15.02
N ALA A 160 -5.29 5.71 15.26
CA ALA A 160 -5.92 4.97 16.35
C ALA A 160 -5.78 3.48 16.09
N ALA A 161 -6.02 3.10 14.85
CA ALA A 161 -5.90 1.71 14.46
C ALA A 161 -4.46 1.28 14.66
N ASP A 162 -3.52 2.07 14.16
CA ASP A 162 -2.09 1.78 14.33
C ASP A 162 -1.70 1.55 15.80
N MET A 163 -2.41 2.19 16.72
CA MET A 163 -2.09 2.03 18.14
C MET A 163 -2.64 0.74 18.79
N ALA A 164 -3.66 0.14 18.17
CA ALA A 164 -4.33 -1.00 18.76
C ALA A 164 -3.99 -2.33 18.10
N LYS A 165 -3.33 -2.28 16.93
CA LYS A 165 -2.94 -3.50 16.21
C LYS A 165 -2.23 -4.51 17.12
N PRO A 166 -2.56 -5.81 16.97
CA PRO A 166 -3.67 -6.33 16.15
C PRO A 166 -4.90 -6.64 17.00
N ASN A 167 -5.95 -7.16 16.37
CA ASN A 167 -7.25 -7.38 17.00
C ASN A 167 -7.75 -6.28 17.95
N GLY A 168 -7.22 -5.07 17.82
CA GLY A 168 -7.58 -4.00 18.74
C GLY A 168 -8.78 -3.20 18.27
N ILE A 169 -9.19 -2.26 19.13
CA ILE A 169 -10.04 -1.17 18.72
C ILE A 169 -9.71 0.03 19.63
N LYS A 170 -9.73 1.23 19.06
CA LYS A 170 -9.36 2.42 19.83
C LYS A 170 -10.04 3.69 19.34
N VAL A 171 -10.56 4.45 20.30
CA VAL A 171 -11.22 5.70 20.02
C VAL A 171 -10.31 6.85 20.42
N ILE A 172 -10.07 7.75 19.48
CA ILE A 172 -9.46 9.00 19.87
C ILE A 172 -10.57 10.03 19.91
N ASP A 173 -10.80 10.59 21.10
CA ASP A 173 -11.74 11.68 21.29
C ASP A 173 -11.07 13.02 20.98
N ASP A 174 -11.85 14.09 20.89
CA ASP A 174 -11.34 15.41 20.49
C ASP A 174 -10.29 16.01 21.44
N GLU A 175 -10.40 15.70 22.73
CA GLU A 175 -9.49 16.24 23.72
C GLU A 175 -8.17 15.48 23.72
N GLU A 176 -8.21 14.22 23.29
CA GLU A 176 -6.99 13.43 23.18
C GLU A 176 -6.23 13.76 21.90
N VAL A 177 -6.99 14.06 20.84
CA VAL A 177 -6.44 14.54 19.58
C VAL A 177 -5.49 15.70 19.87
N LYS A 178 -5.86 16.53 20.84
CA LYS A 178 -5.04 17.67 21.26
C LYS A 178 -3.75 17.26 22.00
N ARG A 179 -3.82 16.31 22.91
CA ARG A 179 -2.62 15.89 23.62
C ARG A 179 -1.68 15.19 22.62
N LEU A 180 -2.28 14.60 21.58
CA LEU A 180 -1.52 13.94 20.50
C LEU A 180 -0.66 14.90 19.70
N ILE A 181 -1.30 15.91 19.13
CA ILE A 181 -0.60 16.95 18.37
C ILE A 181 0.65 17.48 19.11
N ARG A 182 0.54 17.55 20.44
CA ARG A 182 1.64 18.01 21.25
C ARG A 182 2.68 16.90 21.39
N GLU A 183 2.22 15.67 21.54
CA GLU A 183 3.11 14.61 22.02
C GLU A 183 3.33 13.47 21.03
N LEU A 184 2.74 13.58 19.84
CA LEU A 184 3.00 12.57 18.81
C LEU A 184 4.23 12.85 17.96
N ASP A 185 5.10 11.86 17.90
CA ASP A 185 6.26 11.85 17.02
C ASP A 185 5.78 11.99 15.57
N ILE A 186 6.40 12.93 14.84
CA ILE A 186 6.01 13.24 13.47
C ILE A 186 6.27 12.09 12.45
N ALA A 187 7.23 11.23 12.75
CA ALA A 187 7.54 10.13 11.85
C ALA A 187 6.39 9.15 11.89
N ASP A 188 5.52 9.32 12.88
CA ASP A 188 4.42 8.39 13.08
C ASP A 188 3.17 8.86 12.35
N VAL A 189 3.27 10.02 11.70
CA VAL A 189 2.15 10.51 10.92
C VAL A 189 2.17 9.88 9.53
N PRO A 190 1.00 9.39 9.05
CA PRO A 190 0.85 8.80 7.71
C PRO A 190 1.20 9.78 6.58
N GLY A 191 2.10 9.36 5.69
CA GLY A 191 2.61 10.24 4.66
C GLY A 191 4.04 10.65 4.96
N ILE A 192 4.53 10.26 6.13
CA ILE A 192 5.87 10.61 6.56
C ILE A 192 6.73 9.38 6.60
N GLY A 193 7.36 9.09 5.46
CA GLY A 193 8.31 8.00 5.36
C GLY A 193 9.63 8.45 5.95
N ASN A 194 10.66 7.65 5.77
CA ASN A 194 11.94 7.92 6.41
C ASN A 194 12.61 9.19 5.84
N ILE A 195 12.46 9.38 4.52
CA ILE A 195 13.00 10.56 3.83
C ILE A 195 12.41 11.86 4.35
N THR A 196 11.09 11.90 4.54
CA THR A 196 10.43 13.11 5.01
C THR A 196 10.67 13.35 6.50
N ALA A 197 10.73 12.27 7.28
CA ALA A 197 10.98 12.39 8.71
C ALA A 197 12.33 13.06 8.96
N GLU A 198 13.34 12.59 8.24
CA GLU A 198 14.71 13.13 8.38
C GLU A 198 14.82 14.59 7.98
N LYS A 199 14.15 14.96 6.89
CA LYS A 199 14.12 16.35 6.44
C LYS A 199 13.62 17.23 7.56
N LEU A 200 12.57 16.76 8.23
CA LEU A 200 11.91 17.54 9.25
C LEU A 200 12.79 17.64 10.46
N LYS A 201 13.57 16.61 10.71
CA LYS A 201 14.50 16.61 11.84
C LYS A 201 15.47 17.77 11.68
N LYS A 202 15.95 17.94 10.46
CA LYS A 202 16.88 19.00 10.11
C LYS A 202 16.24 20.36 10.25
N LEU A 203 14.93 20.42 10.00
CA LEU A 203 14.17 21.64 10.26
C LEU A 203 13.81 21.76 11.72
N GLY A 204 14.19 20.75 12.51
CA GLY A 204 13.93 20.78 13.94
C GLY A 204 12.47 20.58 14.25
N ILE A 205 11.80 19.81 13.40
CA ILE A 205 10.38 19.47 13.56
C ILE A 205 10.22 18.00 13.98
N ASN A 206 9.88 17.80 15.25
CA ASN A 206 9.85 16.47 15.84
C ASN A 206 8.44 16.01 16.19
N LYS A 207 7.63 16.94 16.65
CA LYS A 207 6.26 16.65 17.04
C LYS A 207 5.34 17.45 16.12
N LEU A 208 4.13 16.94 15.89
CA LEU A 208 3.16 17.60 15.02
C LEU A 208 3.05 19.12 15.21
N VAL A 209 3.11 19.56 16.47
CA VAL A 209 2.90 20.96 16.82
C VAL A 209 4.01 21.89 16.27
N ASP A 210 5.21 21.36 16.13
CA ASP A 210 6.37 22.13 15.65
C ASP A 210 6.20 22.81 14.28
N THR A 211 5.22 22.36 13.51
CA THR A 211 5.02 22.92 12.18
C THR A 211 4.45 24.34 12.26
N LEU A 212 3.88 24.69 13.40
CA LEU A 212 3.23 25.99 13.59
C LEU A 212 4.28 27.08 13.90
N SER A 213 5.42 26.63 14.41
CA SER A 213 6.48 27.50 14.89
C SER A 213 7.45 27.91 13.78
N ILE A 214 7.22 27.39 12.59
CA ILE A 214 8.14 27.61 11.49
C ILE A 214 7.43 28.37 10.37
N GLU A 215 8.17 29.30 9.75
CA GLU A 215 7.69 30.00 8.57
C GLU A 215 7.33 29.04 7.45
N PHE A 216 6.08 29.16 6.99
CA PHE A 216 5.53 28.30 5.95
C PHE A 216 6.45 28.15 4.73
N ASP A 217 7.08 29.24 4.32
CA ASP A 217 7.93 29.23 3.12
C ASP A 217 9.16 28.34 3.25
N LYS A 218 9.74 28.29 4.45
CA LYS A 218 10.90 27.44 4.68
C LYS A 218 10.45 25.98 4.67
N LEU A 219 9.32 25.74 5.33
CA LEU A 219 8.68 24.42 5.36
C LEU A 219 8.34 23.96 3.94
N LYS A 220 7.68 24.82 3.19
CA LYS A 220 7.34 24.53 1.80
C LYS A 220 8.58 24.23 0.97
N GLY A 221 9.66 24.96 1.25
CA GLY A 221 10.92 24.78 0.54
C GLY A 221 11.55 23.42 0.81
N MET A 222 11.39 22.93 2.03
CA MET A 222 11.95 21.64 2.40
C MET A 222 11.11 20.41 2.02
N ILE A 223 9.79 20.46 2.20
CA ILE A 223 8.94 19.28 2.00
C ILE A 223 7.84 19.41 0.96
N GLY A 224 7.93 20.42 0.09
CA GLY A 224 6.93 20.62 -0.94
C GLY A 224 5.70 21.28 -0.35
N GLU A 225 4.88 21.89 -1.19
CA GLU A 225 3.72 22.65 -0.70
C GLU A 225 2.61 21.75 -0.11
N ALA A 226 2.47 20.54 -0.66
CA ALA A 226 1.35 19.69 -0.29
C ALA A 226 1.52 19.11 1.11
N LYS A 227 2.66 18.48 1.37
CA LYS A 227 2.99 17.96 2.70
C LYS A 227 2.92 19.09 3.71
N ALA A 228 3.51 20.22 3.32
CA ALA A 228 3.45 21.47 4.08
C ALA A 228 2.05 21.79 4.61
N LYS A 229 1.11 22.04 3.72
CA LYS A 229 -0.26 22.38 4.11
C LYS A 229 -0.97 21.21 4.80
N TYR A 230 -0.55 20.00 4.47
CA TYR A 230 -1.14 18.81 5.06
C TYR A 230 -0.84 18.78 6.55
N LEU A 231 0.43 18.90 6.90
CA LEU A 231 0.85 18.86 8.29
C LEU A 231 0.30 20.02 9.08
N ILE A 232 0.33 21.20 8.48
CA ILE A 232 -0.13 22.41 9.12
C ILE A 232 -1.60 22.34 9.49
N SER A 233 -2.43 21.91 8.55
CA SER A 233 -3.86 21.81 8.82
C SER A 233 -4.15 20.73 9.86
N LEU A 234 -3.39 19.64 9.81
CA LEU A 234 -3.49 18.55 10.80
C LEU A 234 -3.20 19.03 12.20
N ALA A 235 -2.24 19.95 12.29
CA ALA A 235 -1.78 20.48 13.57
C ALA A 235 -2.71 21.57 14.11
N ARG A 236 -3.42 22.23 13.19
CA ARG A 236 -4.40 23.25 13.56
C ARG A 236 -5.77 22.66 13.87
N ASP A 237 -5.84 21.33 13.95
CA ASP A 237 -7.10 20.62 14.14
C ASP A 237 -8.07 20.98 13.02
N GLU A 238 -7.52 21.23 11.84
CA GLU A 238 -8.32 21.66 10.72
C GLU A 238 -8.35 20.66 9.56
N TYR A 239 -7.67 19.53 9.71
CA TYR A 239 -7.73 18.53 8.65
C TYR A 239 -9.11 17.90 8.71
N ASN A 240 -9.71 17.75 7.55
CA ASN A 240 -11.03 17.17 7.47
C ASN A 240 -11.36 16.69 6.08
N GLU A 241 -10.42 15.97 5.47
CA GLU A 241 -10.60 15.43 4.13
C GLU A 241 -11.73 14.41 4.07
N PRO A 242 -12.47 14.41 2.95
CA PRO A 242 -13.71 13.64 2.82
C PRO A 242 -13.55 12.21 2.33
N ILE A 243 -14.39 11.31 2.85
CA ILE A 243 -14.40 9.92 2.44
C ILE A 243 -15.05 9.85 1.09
N ARG A 244 -14.39 9.21 0.12
CA ARG A 244 -14.99 9.10 -1.19
C ARG A 244 -14.52 7.83 -1.88
N THR A 245 -15.28 7.42 -2.88
CA THR A 245 -14.97 6.22 -3.64
C THR A 245 -13.67 6.38 -4.42
N ARG A 246 -12.58 5.81 -3.92
CA ARG A 246 -11.33 5.85 -4.68
C ARG A 246 -11.52 5.21 -6.07
N VAL A 247 -10.82 5.71 -7.08
CA VAL A 247 -10.93 5.14 -8.43
C VAL A 247 -9.57 4.73 -8.98
N ARG A 248 -9.49 3.50 -9.47
CA ARG A 248 -8.23 2.95 -9.96
C ARG A 248 -7.78 3.60 -11.26
N LYS A 249 -6.59 4.18 -11.21
CA LYS A 249 -6.12 5.09 -12.24
C LYS A 249 -4.97 4.51 -13.06
N SER A 250 -4.47 3.35 -12.66
CA SER A 250 -3.45 2.71 -13.46
C SER A 250 -3.35 1.24 -13.07
N ILE A 251 -3.04 0.40 -14.06
CA ILE A 251 -2.77 -1.01 -13.88
C ILE A 251 -1.40 -1.27 -14.49
N GLY A 252 -0.72 -2.32 -14.03
CA GLY A 252 0.57 -2.68 -14.58
C GLY A 252 1.16 -3.92 -13.94
N ARG A 253 2.16 -4.50 -14.57
N ARG A 253 2.19 -4.46 -14.59
CA ARG A 253 2.85 -5.66 -13.98
CA ARG A 253 2.89 -5.65 -14.12
C ARG A 253 4.34 -5.58 -14.20
C ARG A 253 4.37 -5.34 -14.08
N ILE A 254 5.11 -5.98 -13.18
CA ILE A 254 6.56 -5.93 -13.21
C ILE A 254 7.13 -7.30 -12.92
N VAL A 255 8.12 -7.73 -13.70
CA VAL A 255 8.76 -9.00 -13.42
C VAL A 255 10.25 -8.86 -13.20
N THR A 256 10.81 -9.83 -12.48
CA THR A 256 12.24 -9.85 -12.24
C THR A 256 12.85 -10.85 -13.20
N MET A 257 13.92 -10.44 -13.86
CA MET A 257 14.62 -11.30 -14.80
C MET A 257 15.57 -12.25 -14.06
N LYS A 258 15.77 -13.44 -14.64
CA LYS A 258 16.74 -14.38 -14.09
C LYS A 258 18.08 -13.72 -13.81
N ARG A 259 18.48 -12.79 -14.67
CA ARG A 259 19.71 -12.04 -14.41
C ARG A 259 19.68 -10.66 -15.06
N ASN A 260 20.36 -9.72 -14.42
CA ASN A 260 20.50 -8.38 -14.97
C ASN A 260 21.17 -8.41 -16.33
N SER A 261 20.76 -7.49 -17.19
CA SER A 261 21.18 -7.52 -18.58
C SER A 261 20.91 -6.21 -19.30
N ARG A 262 21.45 -6.12 -20.51
CA ARG A 262 21.31 -4.91 -21.29
C ARG A 262 20.98 -5.36 -22.70
N ASN A 263 20.76 -6.68 -22.82
CA ASN A 263 20.41 -7.27 -24.10
C ASN A 263 18.92 -7.16 -24.40
N LEU A 264 18.59 -6.35 -25.41
CA LEU A 264 17.22 -6.10 -25.81
C LEU A 264 16.44 -7.41 -26.02
N GLU A 265 17.06 -8.40 -26.66
CA GLU A 265 16.35 -9.64 -27.00
C GLU A 265 16.18 -10.54 -25.79
N GLU A 266 17.01 -10.30 -24.77
CA GLU A 266 16.96 -11.04 -23.51
C GLU A 266 15.85 -10.51 -22.62
N ILE A 267 15.63 -9.20 -22.73
CA ILE A 267 14.65 -8.47 -21.92
C ILE A 267 13.23 -8.60 -22.47
N LYS A 268 13.08 -8.40 -23.78
CA LYS A 268 11.76 -8.41 -24.44
C LYS A 268 10.77 -9.51 -24.00
N PRO A 269 11.21 -10.78 -23.92
CA PRO A 269 10.31 -11.83 -23.42
C PRO A 269 9.75 -11.61 -22.00
N TYR A 270 10.44 -10.82 -21.18
CA TYR A 270 9.93 -10.43 -19.87
C TYR A 270 8.95 -9.27 -20.07
N LEU A 271 9.34 -8.35 -20.94
CA LEU A 271 8.58 -7.17 -21.25
C LEU A 271 7.19 -7.49 -21.83
N PHE A 272 7.12 -8.48 -22.70
CA PHE A 272 5.85 -8.83 -23.32
C PHE A 272 5.00 -9.62 -22.38
N ARG A 273 5.63 -10.40 -21.51
CA ARG A 273 4.89 -11.17 -20.53
C ARG A 273 4.23 -10.18 -19.58
N ALA A 274 4.96 -9.13 -19.25
CA ALA A 274 4.40 -8.07 -18.43
C ALA A 274 3.15 -7.50 -19.10
N ILE A 275 3.23 -7.26 -20.42
CA ILE A 275 2.11 -6.74 -21.20
C ILE A 275 0.89 -7.67 -21.24
N GLU A 276 1.14 -8.96 -21.43
CA GLU A 276 0.09 -9.98 -21.43
C GLU A 276 -0.70 -9.98 -20.14
N GLU A 277 0.02 -10.07 -19.03
N GLU A 277 0.03 -10.08 -19.02
CA GLU A 277 -0.58 -10.01 -17.70
CA GLU A 277 -0.56 -10.00 -17.70
C GLU A 277 -1.29 -8.67 -17.49
C GLU A 277 -1.29 -8.68 -17.52
N SER A 278 -0.66 -7.61 -17.97
CA SER A 278 -1.22 -6.28 -17.85
C SER A 278 -2.53 -6.20 -18.56
N TYR A 279 -2.57 -6.69 -19.79
CA TYR A 279 -3.75 -6.52 -20.62
C TYR A 279 -4.89 -7.40 -20.14
N TYR A 280 -4.54 -8.54 -19.55
CA TYR A 280 -5.50 -9.38 -18.86
C TYR A 280 -6.12 -8.55 -17.73
N LYS A 281 -5.26 -7.97 -16.90
CA LYS A 281 -5.70 -7.21 -15.73
C LYS A 281 -6.53 -5.99 -16.09
N LEU A 282 -6.56 -5.64 -17.36
CA LEU A 282 -7.23 -4.42 -17.77
C LEU A 282 -8.74 -4.52 -17.67
N ASP A 283 -9.26 -5.74 -17.69
CA ASP A 283 -10.68 -5.98 -17.97
C ASP A 283 -11.01 -5.41 -19.33
N LYS A 284 -12.01 -4.54 -19.39
CA LYS A 284 -12.42 -4.00 -20.66
C LYS A 284 -12.00 -2.55 -20.79
N ARG A 285 -11.06 -2.13 -19.95
CA ARG A 285 -10.62 -0.74 -19.88
C ARG A 285 -9.64 -0.38 -20.98
N ILE A 286 -9.78 0.81 -21.55
CA ILE A 286 -8.90 1.23 -22.64
C ILE A 286 -8.05 2.41 -22.18
N PRO A 287 -6.76 2.17 -21.97
CA PRO A 287 -5.89 3.26 -21.53
C PRO A 287 -5.45 4.08 -22.72
N LYS A 288 -5.34 5.39 -22.53
CA LYS A 288 -4.69 6.20 -23.54
C LYS A 288 -3.17 6.23 -23.31
N ALA A 289 -2.72 5.94 -22.09
CA ALA A 289 -1.27 6.03 -21.79
C ALA A 289 -0.53 4.73 -21.40
N ILE A 290 0.77 4.69 -21.68
CA ILE A 290 1.60 3.53 -21.37
C ILE A 290 2.99 3.94 -20.85
N HIS A 291 3.43 3.34 -19.76
CA HIS A 291 4.78 3.57 -19.26
C HIS A 291 5.55 2.27 -19.21
N VAL A 292 6.81 2.30 -19.64
CA VAL A 292 7.70 1.14 -19.55
C VAL A 292 8.66 1.39 -18.39
N VAL A 293 8.65 0.47 -17.41
CA VAL A 293 9.32 0.72 -16.15
C VAL A 293 10.45 -0.25 -15.87
N ALA A 294 11.64 0.33 -15.71
CA ALA A 294 12.88 -0.43 -15.49
C ALA A 294 13.43 -0.20 -14.10
N VAL A 295 13.86 -1.27 -13.47
CA VAL A 295 14.68 -1.15 -12.28
C VAL A 295 16.10 -1.53 -12.65
N THR A 296 16.96 -0.52 -12.68
CA THR A 296 18.39 -0.70 -12.96
C THR A 296 19.06 -1.59 -11.90
N GLU A 297 20.30 -2.00 -12.16
CA GLU A 297 20.98 -2.95 -11.28
C GLU A 297 21.17 -2.43 -9.85
N ASP A 298 21.33 -1.11 -9.72
CA ASP A 298 21.52 -0.46 -8.41
C ASP A 298 20.21 -0.13 -7.69
N LEU A 299 19.14 -0.80 -8.09
CA LEU A 299 17.81 -0.61 -7.51
C LEU A 299 17.24 0.80 -7.67
N ASP A 300 17.83 1.58 -8.57
CA ASP A 300 17.23 2.85 -8.97
C ASP A 300 16.06 2.53 -9.94
N ILE A 301 15.20 3.50 -10.19
CA ILE A 301 14.04 3.28 -11.06
C ILE A 301 13.99 4.37 -12.13
N VAL A 302 13.67 3.97 -13.35
CA VAL A 302 13.64 4.89 -14.49
C VAL A 302 12.59 4.43 -15.53
N SER A 303 11.80 5.36 -16.06
CA SER A 303 10.71 4.98 -16.95
C SER A 303 10.29 6.02 -18.00
N ARG A 304 10.17 5.59 -19.25
CA ARG A 304 9.68 6.43 -20.34
C ARG A 304 8.25 6.04 -20.69
N GLY A 305 7.41 7.01 -21.05
CA GLY A 305 6.02 6.78 -21.33
C GLY A 305 5.49 7.64 -22.45
N ARG A 306 4.26 7.37 -22.88
CA ARG A 306 3.68 8.06 -24.02
C ARG A 306 2.16 8.06 -24.01
N THR A 307 1.58 9.21 -24.31
CA THR A 307 0.12 9.34 -24.38
C THR A 307 -0.40 9.44 -25.82
N PHE A 308 -1.44 8.66 -26.11
CA PHE A 308 -2.10 8.67 -27.40
C PHE A 308 -3.42 9.42 -27.28
N PRO A 309 -3.89 9.96 -28.41
CA PRO A 309 -5.22 10.57 -28.53
C PRO A 309 -6.31 9.52 -28.65
N HIS A 310 -5.92 8.28 -28.94
CA HIS A 310 -6.86 7.16 -28.96
C HIS A 310 -6.50 6.13 -27.86
N GLY A 311 -7.13 4.96 -27.90
CA GLY A 311 -6.83 3.89 -26.97
C GLY A 311 -5.74 2.97 -27.50
N ILE A 312 -5.12 2.22 -26.61
CA ILE A 312 -3.95 1.44 -26.98
C ILE A 312 -4.21 -0.07 -27.13
N SER A 313 -4.20 -0.59 -28.35
CA SER A 313 -4.43 -2.01 -28.53
C SER A 313 -3.21 -2.84 -28.08
N LYS A 314 -3.41 -4.14 -27.90
CA LYS A 314 -2.38 -4.98 -27.34
C LYS A 314 -1.20 -4.95 -28.30
N GLU A 315 -1.52 -5.00 -29.59
N GLU A 315 -1.50 -5.04 -29.59
CA GLU A 315 -0.53 -5.06 -30.65
CA GLU A 315 -0.45 -5.09 -30.61
C GLU A 315 0.26 -3.76 -30.67
C GLU A 315 0.26 -3.75 -30.77
N THR A 316 -0.49 -2.66 -30.59
CA THR A 316 0.11 -1.33 -30.55
C THR A 316 1.02 -1.19 -29.34
N ALA A 317 0.51 -1.56 -28.16
CA ALA A 317 1.28 -1.51 -26.92
C ALA A 317 2.61 -2.30 -27.00
N TYR A 318 2.56 -3.48 -27.61
CA TYR A 318 3.80 -4.20 -27.93
C TYR A 318 4.80 -3.29 -28.62
N SER A 319 4.39 -2.74 -29.76
CA SER A 319 5.26 -1.87 -30.54
C SER A 319 5.88 -0.73 -29.73
N GLU A 320 5.03 0.07 -29.08
CA GLU A 320 5.53 1.22 -28.34
C GLU A 320 6.46 0.85 -27.17
N SER A 321 6.11 -0.20 -26.45
CA SER A 321 6.92 -0.62 -25.31
C SER A 321 8.34 -0.98 -25.71
N VAL A 322 8.48 -1.61 -26.87
CA VAL A 322 9.79 -1.92 -27.41
C VAL A 322 10.57 -0.64 -27.70
N LYS A 323 9.87 0.36 -28.21
CA LYS A 323 10.50 1.65 -28.49
C LYS A 323 10.95 2.27 -27.17
N LEU A 324 10.01 2.35 -26.23
CA LEU A 324 10.26 2.97 -24.93
C LEU A 324 11.34 2.29 -24.10
N LEU A 325 11.43 0.97 -24.27
CA LEU A 325 12.52 0.20 -23.70
C LEU A 325 13.86 0.70 -24.22
N GLN A 326 13.91 0.97 -25.53
CA GLN A 326 15.14 1.39 -26.20
C GLN A 326 15.62 2.77 -25.73
N LYS A 327 14.69 3.70 -25.58
CA LYS A 327 15.02 5.03 -25.02
C LYS A 327 15.72 4.86 -23.66
N ILE A 328 15.28 3.88 -22.88
CA ILE A 328 15.94 3.59 -21.62
C ILE A 328 17.39 3.15 -21.82
N LEU A 329 17.59 2.03 -22.53
CA LEU A 329 18.92 1.51 -22.81
C LEU A 329 19.82 2.54 -23.49
N GLU A 330 19.23 3.35 -24.37
CA GLU A 330 19.99 4.41 -25.03
C GLU A 330 20.40 5.45 -24.00
N GLU A 331 19.38 6.13 -23.44
CA GLU A 331 19.55 7.22 -22.48
C GLU A 331 20.24 6.85 -21.14
N ASP A 332 19.68 5.87 -20.42
CA ASP A 332 20.35 5.36 -19.22
C ASP A 332 21.45 4.40 -19.67
N GLU A 333 22.42 4.11 -18.79
N GLU A 333 22.39 4.10 -18.78
CA GLU A 333 23.58 3.32 -19.18
CA GLU A 333 23.58 3.35 -19.17
C GLU A 333 23.74 2.07 -18.32
C GLU A 333 23.77 2.11 -18.28
N ARG A 334 22.84 1.90 -17.36
CA ARG A 334 22.89 0.76 -16.43
C ARG A 334 22.41 -0.59 -17.00
N LYS A 335 22.81 -1.67 -16.34
CA LYS A 335 22.15 -2.95 -16.52
C LYS A 335 20.80 -2.90 -15.85
N ILE A 336 19.88 -3.72 -16.34
CA ILE A 336 18.50 -3.67 -15.91
C ILE A 336 18.16 -4.95 -15.18
N ARG A 337 17.56 -4.81 -14.00
CA ARG A 337 17.29 -5.95 -13.14
C ARG A 337 15.84 -6.41 -13.25
N ARG A 338 14.94 -5.45 -13.39
CA ARG A 338 13.51 -5.73 -13.54
C ARG A 338 12.91 -4.88 -14.65
N ILE A 339 11.87 -5.39 -15.29
CA ILE A 339 11.18 -4.64 -16.34
C ILE A 339 9.67 -4.92 -16.33
N GLY A 340 8.88 -3.86 -16.46
CA GLY A 340 7.45 -4.02 -16.42
C GLY A 340 6.77 -2.91 -17.18
N VAL A 341 5.43 -2.94 -17.16
CA VAL A 341 4.65 -1.91 -17.83
C VAL A 341 3.56 -1.32 -16.92
N ARG A 342 3.00 -0.20 -17.35
CA ARG A 342 1.91 0.44 -16.62
C ARG A 342 0.99 1.24 -17.53
N PHE A 343 -0.25 0.78 -17.68
CA PHE A 343 -1.26 1.49 -18.44
C PHE A 343 -2.06 2.47 -17.59
N SER A 344 -2.34 3.66 -18.14
CA SER A 344 -3.10 4.67 -17.44
C SER A 344 -3.88 5.53 -18.44
N LYS A 345 -4.56 6.57 -17.94
CA LYS A 345 -5.38 7.48 -18.74
C LYS A 345 -6.50 6.80 -19.52
N PHE A 346 -7.29 6.00 -18.81
CA PHE A 346 -8.32 5.17 -19.43
C PHE A 346 -9.44 6.04 -19.93
N ILE A 347 -10.02 5.65 -21.06
CA ILE A 347 -11.26 6.31 -21.50
C ILE A 347 -12.48 5.67 -20.83
N GLU A 348 -13.56 6.45 -20.79
OAT 0OH D . 1.31 -6.13 8.35
PBD 0OH D . 0.07 -5.71 7.48
OAH 0OH D . -0.46 -4.36 7.95
OAC 0OH D . -0.92 -6.85 7.52
OAR 0OH D . 0.46 -5.48 5.99
CAL 0OH D . -0.56 -5.24 5.08
CBB 0OH D . -0.62 -6.11 3.84
CAZ 0OH D . -0.45 -5.35 2.54
CAN 0OH D . -1.81 -5.92 2.91
CAX 0OH D . 0.22 -7.34 3.73
OAE 0OH D . -0.47 -8.41 4.20
CAM 0OH D . 0.55 -7.47 2.28
CAY 0OH D . 0.60 -6.10 1.74
N9 0OH D . 1.92 -5.48 1.88
C8 0OH D . 2.27 -4.61 2.85
N7 0OH D . 3.55 -4.26 2.67
C5 0OH D . 4.07 -4.86 1.58
C4 0OH D . 3.02 -5.65 1.07
N3 0OH D . 3.23 -6.40 -0.04
C2 0OH D . 4.44 -6.39 -0.65
N1 0OH D . 5.45 -5.65 -0.18
C6 0OH D . 5.32 -4.90 0.92
N6 0OH D . 6.43 -4.11 1.39
CA CA E . -3.38 -4.73 8.00
CA CA F . -1.70 -1.37 7.15
CA CA G . 5.65 6.21 8.91
CA CA H . 17.74 8.76 -9.52
#